data_4KVC
#
_entry.id   4KVC
#
_cell.length_a   51.554
_cell.length_b   81.711
_cell.length_c   85.306
_cell.angle_alpha   90.00
_cell.angle_beta   90.00
_cell.angle_gamma   90.00
#
_symmetry.space_group_name_H-M   'P 2 21 21'
#
loop_
_entity.id
_entity.type
_entity.pdbx_description
1 polymer 'Ig heavy chain V region MOPC 21, Igh protein'
2 polymer 'Ig kappa chain V-V region MOPC 21, Anti-colorectal carcinoma light chain'
3 water water
#
loop_
_entity_poly.entity_id
_entity_poly.type
_entity_poly.pdbx_seq_one_letter_code
_entity_poly.pdbx_strand_id
1 'polypeptide(L)'
;DVQLVESGGGLVQPGGSRKLSCAASGFTFSSFGMHWVRQAPEKGLEWVAYISSGSSTLHYADTVKGRFTISRDNPKNTLF
LQMTSLRSEDTAMYYCARWGNYPHYAMDYWGQGTSVTVSSAKTTAPSVYPLAPVCDGTTGSSVTLGCLVKGYFPEPVTLT
WNSGSLSSGVHTFPAVLQSDLYTLSSSVTVTSSTWPSQSITCNVAHPASSTKVDKKIEPR
;
H
2 'polypeptide(L)'
;NIVMTQSPKSMSMSVGERVTLTCKASENVVTYVSWYQQKPEQSPKLLIYGASNRYTGVPDRFTGSGSATDFTLTISSVQA
EDLADYHCGQGYSYPYTFGGGTKLEIKRADAAPTVSIFPPSSEQLTSGGASVVCFLNNFYPKDINVKWKIDGSERQNGVL
NSWTDQDSKDSTYSMSSTLTLTKDEYERHNSYTCEATHKTSTSPIVKSFNRN
;
L
#
# COMPACT_ATOMS: atom_id res chain seq x y z
N ASP A 1 24.17 4.78 -14.80
CA ASP A 1 23.20 5.86 -14.95
C ASP A 1 22.96 6.54 -13.62
N VAL A 2 21.96 7.42 -13.61
CA VAL A 2 21.60 8.20 -12.43
C VAL A 2 21.09 7.28 -11.34
N GLN A 3 21.61 7.47 -10.14
CA GLN A 3 21.25 6.59 -9.06
C GLN A 3 21.02 7.40 -7.79
N LEU A 4 19.92 7.12 -7.09
CA LEU A 4 19.61 7.79 -5.84
C LEU A 4 19.18 6.76 -4.81
N VAL A 5 19.91 6.68 -3.69
CA VAL A 5 19.62 5.68 -2.67
C VAL A 5 19.42 6.30 -1.29
N GLU A 6 18.30 5.99 -0.63
CA GLU A 6 18.00 6.59 0.66
C GLU A 6 18.11 5.65 1.85
N SER A 7 18.21 6.27 3.04
CA SER A 7 18.20 5.53 4.31
C SER A 7 17.93 6.49 5.47
N GLY A 8 17.83 5.94 6.67
CA GLY A 8 17.57 6.76 7.85
C GLY A 8 16.15 6.67 8.34
N GLY A 9 15.29 5.99 7.60
CA GLY A 9 13.93 5.79 8.05
C GLY A 9 13.85 4.97 9.33
N GLY A 10 12.67 4.91 9.93
CA GLY A 10 12.49 4.15 11.14
C GLY A 10 11.35 4.68 11.97
N LEU A 11 11.27 4.23 13.21
CA LEU A 11 10.23 4.64 14.15
C LEU A 11 10.74 5.74 15.10
N VAL A 12 9.95 6.81 15.26
CA VAL A 12 10.30 7.92 16.15
C VAL A 12 9.08 8.37 16.97
N GLN A 13 9.32 8.75 18.22
CA GLN A 13 8.27 9.31 19.08
C GLN A 13 7.87 10.69 18.58
N PRO A 14 6.59 11.06 18.76
CA PRO A 14 6.16 12.42 18.43
C PRO A 14 7.02 13.43 19.16
N GLY A 15 7.33 14.55 18.51
CA GLY A 15 8.17 15.53 19.15
C GLY A 15 9.64 15.18 19.00
N GLY A 16 9.90 13.94 18.58
CA GLY A 16 11.25 13.48 18.34
C GLY A 16 11.93 14.08 17.11
N SER A 17 13.11 13.55 16.79
CA SER A 17 13.92 14.02 15.68
C SER A 17 14.49 12.86 14.86
N ARG A 18 14.79 13.11 13.59
CA ARG A 18 15.47 12.11 12.75
C ARG A 18 16.09 12.72 11.49
N LYS A 19 17.13 12.08 10.96
CA LYS A 19 17.82 12.55 9.76
C LYS A 19 17.80 11.47 8.67
N LEU A 20 17.30 11.83 7.49
CA LEU A 20 17.28 10.92 6.34
C LEU A 20 18.42 11.27 5.40
N SER A 21 18.91 10.28 4.68
CA SER A 21 20.02 10.50 3.75
C SER A 21 19.62 10.06 2.38
N CYS A 22 20.15 10.75 1.36
CA CYS A 22 19.94 10.34 -0.01
C CYS A 22 21.26 10.40 -0.76
N ALA A 23 21.81 9.22 -1.05
CA ALA A 23 23.08 9.16 -1.78
C ALA A 23 22.87 9.28 -3.28
N ALA A 24 23.69 10.06 -3.96
CA ALA A 24 23.61 10.18 -5.43
C ALA A 24 24.85 9.67 -6.17
N SER A 25 24.66 9.13 -7.38
CA SER A 25 25.79 8.78 -8.25
C SER A 25 25.39 8.76 -9.71
N GLY A 26 26.38 8.77 -10.61
CA GLY A 26 26.12 8.72 -12.04
C GLY A 26 25.67 10.06 -12.60
N PHE A 27 25.78 11.12 -11.82
CA PHE A 27 25.64 12.46 -12.39
C PHE A 27 26.43 13.49 -11.59
N THR A 28 26.49 14.71 -12.11
CA THR A 28 27.19 15.74 -11.38
C THR A 28 26.26 16.30 -10.31
N PHE A 29 26.32 15.74 -9.10
CA PHE A 29 25.41 16.08 -8.01
C PHE A 29 25.30 17.58 -7.79
N SER A 30 26.46 18.24 -7.63
CA SER A 30 26.51 19.67 -7.30
C SER A 30 25.91 20.60 -8.37
N SER A 31 25.52 20.07 -9.52
CA SER A 31 24.85 20.90 -10.52
C SER A 31 23.32 20.77 -10.58
N PHE A 32 22.72 20.02 -9.65
CA PHE A 32 21.25 19.88 -9.69
C PHE A 32 20.58 20.30 -8.37
N GLY A 33 19.45 20.98 -8.47
CA GLY A 33 18.60 21.19 -7.31
C GLY A 33 17.99 19.83 -6.93
N MET A 34 17.62 19.67 -5.66
CA MET A 34 17.08 18.39 -5.22
C MET A 34 15.84 18.59 -4.35
N HIS A 35 14.93 17.62 -4.38
CA HIS A 35 13.67 17.70 -3.64
C HIS A 35 13.53 16.53 -2.68
N TRP A 36 12.83 16.76 -1.58
CA TRP A 36 12.22 15.70 -0.78
C TRP A 36 10.71 15.75 -1.01
N VAL A 37 10.10 14.59 -1.22
CA VAL A 37 8.67 14.47 -1.47
C VAL A 37 8.25 13.33 -0.57
N ARG A 38 7.03 13.39 0.01
CA ARG A 38 6.59 12.29 0.86
C ARG A 38 5.23 11.73 0.46
N GLN A 39 4.97 10.49 0.89
CA GLN A 39 3.74 9.78 0.55
C GLN A 39 3.19 9.11 1.81
N ALA A 40 2.08 9.62 2.33
CA ALA A 40 1.49 9.06 3.56
C ALA A 40 0.85 7.73 3.24
N PRO A 41 0.64 6.88 4.28
CA PRO A 41 -0.01 5.58 4.06
C PRO A 41 -1.33 5.76 3.32
N GLU A 42 -2.08 6.80 3.68
CA GLU A 42 -3.24 7.22 2.89
C GLU A 42 -3.44 8.73 2.86
N LYS A 43 -2.95 9.43 1.83
CA LYS A 43 -2.09 8.88 0.78
C LYS A 43 -1.52 10.06 0.00
N GLY A 44 -1.42 9.87 -1.31
CA GLY A 44 -0.98 10.92 -2.21
C GLY A 44 0.45 11.40 -1.99
N LEU A 45 1.01 12.00 -3.03
CA LEU A 45 2.34 12.58 -2.96
C LEU A 45 2.26 13.99 -2.38
N GLU A 46 3.23 14.36 -1.55
CA GLU A 46 3.24 15.69 -0.96
C GLU A 46 4.65 16.29 -1.01
N TRP A 47 4.83 17.39 -1.72
CA TRP A 47 6.12 18.06 -1.76
C TRP A 47 6.58 18.56 -0.39
N VAL A 48 7.81 18.23 0.00
CA VAL A 48 8.31 18.61 1.32
C VAL A 48 9.32 19.77 1.31
N ALA A 49 10.34 19.68 0.45
CA ALA A 49 11.42 20.65 0.49
C ALA A 49 12.27 20.67 -0.79
N TYR A 50 12.89 21.82 -1.06
CA TYR A 50 13.78 21.97 -2.21
C TYR A 50 15.06 22.68 -1.81
N ILE A 51 16.18 22.26 -2.42
CA ILE A 51 17.45 22.94 -2.21
C ILE A 51 18.17 23.08 -3.55
N SER A 52 18.64 24.28 -3.88
CA SER A 52 19.32 24.48 -5.16
C SER A 52 20.72 23.85 -5.14
N SER A 53 21.33 23.79 -6.31
CA SER A 53 22.59 23.08 -6.48
C SER A 53 23.67 23.50 -5.46
N GLY A 54 23.80 24.81 -5.19
CA GLY A 54 24.78 25.27 -4.22
C GLY A 54 24.28 25.56 -2.80
N SER A 55 23.09 25.07 -2.45
CA SER A 55 22.51 25.24 -1.12
C SER A 55 22.13 26.70 -0.75
N SER A 56 21.89 27.54 -1.74
CA SER A 56 21.53 28.92 -1.41
C SER A 56 20.02 29.15 -1.39
N THR A 57 19.32 28.70 -2.43
CA THR A 57 17.87 28.77 -2.42
C THR A 57 17.27 27.50 -1.79
N LEU A 58 16.58 27.70 -0.67
CA LEU A 58 15.89 26.59 0.02
C LEU A 58 14.40 26.92 0.13
N HIS A 59 13.56 25.93 -0.12
CA HIS A 59 12.11 26.17 -0.03
C HIS A 59 11.48 25.07 0.78
N TYR A 60 10.40 25.39 1.47
CA TYR A 60 9.75 24.41 2.33
C TYR A 60 8.25 24.43 2.16
N ALA A 61 7.63 23.26 2.33
CA ALA A 61 6.19 23.21 2.42
C ALA A 61 5.75 23.87 3.73
N ASP A 62 4.57 24.47 3.71
CA ASP A 62 4.02 25.16 4.88
C ASP A 62 4.00 24.30 6.14
N THR A 63 3.62 23.04 6.00
CA THR A 63 3.49 22.17 7.16
C THR A 63 4.79 21.70 7.78
N VAL A 64 5.91 21.96 7.11
CA VAL A 64 7.19 21.55 7.67
C VAL A 64 8.08 22.73 8.05
N LYS A 65 7.78 23.89 7.50
CA LYS A 65 8.55 25.13 7.72
C LYS A 65 8.80 25.35 9.21
N GLY A 66 10.06 25.46 9.60
CA GLY A 66 10.40 25.67 10.99
C GLY A 66 10.65 24.39 11.79
N ARG A 67 10.31 23.24 11.21
CA ARG A 67 10.57 21.97 11.87
C ARG A 67 11.61 21.15 11.12
N PHE A 68 11.51 21.13 9.79
CA PHE A 68 12.44 20.36 8.97
C PHE A 68 13.54 21.28 8.45
N THR A 69 14.74 20.73 8.24
CA THR A 69 15.76 21.46 7.50
C THR A 69 16.35 20.53 6.43
N ILE A 70 16.49 21.06 5.22
CA ILE A 70 17.07 20.31 4.11
C ILE A 70 18.48 20.84 3.88
N SER A 71 19.41 19.93 3.63
CA SER A 71 20.78 20.33 3.33
C SER A 71 21.42 19.32 2.43
N ARG A 72 22.64 19.64 2.02
CA ARG A 72 23.42 18.74 1.20
C ARG A 72 24.91 18.87 1.50
N ASP A 73 25.62 17.76 1.32
CA ASP A 73 27.05 17.71 1.42
C ASP A 73 27.55 17.36 0.02
N ASN A 74 27.80 18.38 -0.80
CA ASN A 74 28.24 18.16 -2.18
C ASN A 74 29.52 17.31 -2.36
N PRO A 75 30.58 17.57 -1.56
CA PRO A 75 31.78 16.71 -1.70
C PRO A 75 31.46 15.23 -1.51
N LYS A 76 30.50 14.92 -0.62
CA LYS A 76 30.12 13.53 -0.39
C LYS A 76 28.88 13.09 -1.18
N ASN A 77 28.48 13.91 -2.16
CA ASN A 77 27.35 13.59 -3.04
C ASN A 77 26.12 13.07 -2.28
N THR A 78 25.78 13.72 -1.18
CA THR A 78 24.68 13.25 -0.35
C THR A 78 23.72 14.39 0.02
N LEU A 79 22.42 14.11 -0.09
CA LEU A 79 21.37 15.06 0.25
C LEU A 79 20.76 14.63 1.57
N PHE A 80 20.41 15.58 2.43
CA PHE A 80 19.88 15.23 3.74
C PHE A 80 18.53 15.88 4.04
N LEU A 81 17.78 15.28 4.97
CA LEU A 81 16.59 15.92 5.51
C LEU A 81 16.60 15.76 7.04
N GLN A 82 16.78 16.88 7.74
CA GLN A 82 16.78 16.86 9.20
C GLN A 82 15.35 17.13 9.66
N MET A 83 14.74 16.13 10.30
CA MET A 83 13.37 16.27 10.78
C MET A 83 13.39 16.45 12.29
N THR A 84 12.66 17.46 12.78
CA THR A 84 12.56 17.68 14.24
C THR A 84 11.11 17.99 14.58
N SER A 85 10.77 17.91 15.87
CA SER A 85 9.42 18.24 16.33
C SER A 85 8.37 17.42 15.55
N LEU A 86 8.65 16.12 15.39
CA LEU A 86 7.85 15.21 14.58
C LEU A 86 6.39 15.06 15.04
N ARG A 87 5.47 15.16 14.08
CA ARG A 87 4.05 14.89 14.33
C ARG A 87 3.63 13.55 13.73
N SER A 88 2.61 12.96 14.34
CA SER A 88 1.92 11.80 13.80
C SER A 88 1.71 11.93 12.30
N GLU A 89 1.36 13.14 11.86
CA GLU A 89 1.06 13.44 10.47
C GLU A 89 2.30 13.35 9.55
N ASP A 90 3.49 13.31 10.14
CA ASP A 90 4.70 13.23 9.33
C ASP A 90 5.00 11.80 8.94
N THR A 91 4.14 10.89 9.37
CA THR A 91 4.28 9.47 9.03
C THR A 91 4.14 9.30 7.52
N ALA A 92 5.18 8.79 6.85
CA ALA A 92 5.17 8.69 5.40
C ALA A 92 6.35 7.92 4.86
N MET A 93 6.22 7.54 3.59
CA MET A 93 7.37 7.14 2.81
C MET A 93 8.05 8.42 2.27
N TYR A 94 9.34 8.62 2.57
CA TYR A 94 10.06 9.81 2.06
C TYR A 94 10.95 9.51 0.85
N TYR A 95 10.75 10.28 -0.22
CA TYR A 95 11.55 10.14 -1.44
C TYR A 95 12.39 11.38 -1.68
N CYS A 96 13.63 11.21 -2.14
CA CYS A 96 14.35 12.33 -2.72
C CYS A 96 14.23 12.25 -4.25
N ALA A 97 14.26 13.41 -4.89
CA ALA A 97 14.15 13.43 -6.35
C ALA A 97 15.03 14.52 -6.92
N ARG A 98 15.60 14.25 -8.09
CA ARG A 98 16.45 15.24 -8.73
C ARG A 98 15.59 16.23 -9.50
N TRP A 99 15.98 17.51 -9.43
CA TRP A 99 15.37 18.55 -10.26
C TRP A 99 16.14 18.63 -11.56
N GLY A 100 15.78 17.81 -12.54
CA GLY A 100 16.52 17.77 -13.78
C GLY A 100 15.66 18.14 -14.96
N ASN A 101 15.91 17.48 -16.10
CA ASN A 101 15.09 17.64 -17.31
C ASN A 101 15.12 19.06 -17.89
N TYR A 102 16.20 19.78 -17.62
CA TYR A 102 16.46 21.11 -18.19
C TYR A 102 16.29 21.08 -19.71
N PRO A 103 15.62 22.10 -20.28
CA PRO A 103 14.98 23.30 -19.71
C PRO A 103 13.54 23.11 -19.19
N HIS A 104 13.00 21.90 -19.30
CA HIS A 104 11.65 21.64 -18.80
C HIS A 104 11.74 20.96 -17.43
N TYR A 105 12.04 21.77 -16.41
CA TYR A 105 12.27 21.26 -15.05
C TYR A 105 11.21 20.25 -14.61
N ALA A 106 11.68 19.12 -14.10
CA ALA A 106 10.79 18.06 -13.64
C ALA A 106 11.55 17.12 -12.73
N MET A 107 10.85 16.50 -11.81
CA MET A 107 11.49 15.49 -10.97
C MET A 107 11.68 14.21 -11.79
N ASP A 108 12.83 14.14 -12.48
CA ASP A 108 13.09 13.08 -13.46
C ASP A 108 13.62 11.77 -12.87
N TYR A 109 14.27 11.83 -11.72
CA TYR A 109 14.80 10.63 -11.08
C TYR A 109 14.49 10.61 -9.58
N TRP A 110 13.97 9.48 -9.10
CA TRP A 110 13.52 9.35 -7.72
C TRP A 110 14.30 8.25 -6.99
N GLY A 111 14.56 8.44 -5.70
CA GLY A 111 15.15 7.39 -4.87
C GLY A 111 14.07 6.35 -4.55
N GLN A 112 14.43 5.30 -3.82
CA GLN A 112 13.51 4.19 -3.59
C GLN A 112 12.48 4.45 -2.48
N GLY A 113 12.66 5.51 -1.71
CA GLY A 113 11.77 5.77 -0.60
C GLY A 113 12.27 5.11 0.67
N THR A 114 12.23 5.85 1.77
CA THR A 114 12.57 5.32 3.08
C THR A 114 11.47 5.71 4.06
N SER A 115 11.06 4.74 4.87
CA SER A 115 9.84 4.87 5.64
C SER A 115 10.03 5.50 7.02
N VAL A 116 9.22 6.52 7.31
CA VAL A 116 9.20 7.15 8.64
C VAL A 116 7.82 7.00 9.28
N THR A 117 7.82 6.42 10.47
CA THR A 117 6.61 6.22 11.27
C THR A 117 6.80 7.05 12.54
N VAL A 118 5.81 7.88 12.86
CA VAL A 118 5.90 8.72 14.05
C VAL A 118 4.75 8.33 14.95
N SER A 119 5.07 7.68 16.07
CA SER A 119 4.08 7.39 17.10
C SER A 119 4.78 6.98 18.38
N SER A 120 4.02 6.87 19.47
CA SER A 120 4.60 6.52 20.75
C SER A 120 4.40 5.04 21.03
N ALA A 121 3.75 4.33 20.11
CA ALA A 121 3.75 2.88 20.16
C ALA A 121 5.19 2.39 20.01
N LYS A 122 5.52 1.28 20.67
CA LYS A 122 6.87 0.74 20.65
C LYS A 122 7.01 -0.45 19.70
N THR A 123 8.23 -0.77 19.34
CA THR A 123 8.52 -1.88 18.47
C THR A 123 8.17 -3.22 19.07
N THR A 124 7.26 -3.92 18.45
CA THR A 124 6.83 -5.20 18.92
C THR A 124 6.75 -6.23 17.82
N ALA A 125 7.47 -7.33 17.93
CA ALA A 125 7.30 -8.46 17.05
C ALA A 125 5.85 -8.98 17.02
N PRO A 126 5.43 -9.59 15.83
CA PRO A 126 4.06 -10.09 15.88
C PRO A 126 3.89 -11.45 16.53
N SER A 127 2.68 -11.78 16.86
CA SER A 127 2.31 -13.14 17.12
C SER A 127 1.88 -13.69 15.80
N VAL A 128 2.10 -14.96 15.58
CA VAL A 128 1.77 -15.59 14.33
C VAL A 128 0.91 -16.83 14.48
N TYR A 129 -0.25 -16.85 13.89
CA TYR A 129 -1.16 -17.97 14.13
C TYR A 129 -1.55 -18.64 12.81
N PRO A 130 -1.45 -19.95 12.76
CA PRO A 130 -1.86 -20.70 11.60
C PRO A 130 -3.37 -20.85 11.50
N LEU A 131 -3.89 -20.72 10.30
CA LEU A 131 -5.30 -20.90 9.94
C LEU A 131 -5.45 -21.78 8.71
N ALA A 132 -5.70 -23.06 8.71
CA ALA A 132 -6.33 -23.95 9.58
C ALA A 132 -7.78 -24.19 9.18
N PRO A 133 -8.08 -24.85 8.06
CA PRO A 133 -9.47 -25.07 7.66
C PRO A 133 -10.25 -25.92 8.62
N VAL A 134 -11.55 -25.61 8.72
CA VAL A 134 -12.59 -26.27 9.53
C VAL A 134 -11.93 -27.04 10.67
N CYS A 135 -12.31 -28.28 10.87
CA CYS A 135 -11.62 -29.14 11.79
C CYS A 135 -10.53 -29.91 11.01
N ASP A 136 -10.87 -30.12 9.73
CA ASP A 136 -10.05 -30.54 8.62
C ASP A 136 -10.96 -30.69 7.39
N GLY A 137 -10.80 -29.76 6.43
CA GLY A 137 -11.67 -29.62 5.28
C GLY A 137 -11.76 -30.67 4.18
N THR A 138 -12.66 -31.64 4.34
CA THR A 138 -12.84 -32.67 3.30
C THR A 138 -13.42 -32.07 1.98
N THR A 139 -12.88 -32.50 0.84
CA THR A 139 -13.48 -32.20 -0.48
C THR A 139 -13.17 -30.82 -1.03
N GLY A 140 -13.25 -30.67 -2.34
CA GLY A 140 -12.99 -29.39 -2.92
C GLY A 140 -11.80 -29.31 -3.86
N SER A 141 -10.98 -30.33 -3.97
CA SER A 141 -9.87 -30.24 -4.92
C SER A 141 -8.82 -29.19 -4.44
N SER A 142 -9.23 -27.95 -4.31
CA SER A 142 -8.39 -26.92 -3.75
C SER A 142 -8.77 -26.76 -2.27
N VAL A 143 -7.79 -26.53 -1.40
CA VAL A 143 -7.99 -26.06 -0.02
C VAL A 143 -7.26 -24.76 0.36
N THR A 144 -7.94 -23.89 1.08
CA THR A 144 -7.37 -22.61 1.45
C THR A 144 -6.88 -22.54 2.86
N LEU A 145 -5.65 -22.10 3.04
CA LEU A 145 -5.05 -22.03 4.36
C LEU A 145 -4.66 -20.58 4.65
N GLY A 146 -4.34 -20.30 5.90
CA GLY A 146 -4.08 -18.93 6.27
C GLY A 146 -3.05 -18.74 7.34
N CYS A 147 -2.66 -17.49 7.52
CA CYS A 147 -1.65 -17.12 8.47
C CYS A 147 -2.11 -15.80 9.06
N LEU A 148 -2.24 -15.77 10.38
CA LEU A 148 -2.64 -14.54 11.05
C LEU A 148 -1.45 -13.93 11.78
N VAL A 149 -1.18 -12.67 11.48
CA VAL A 149 -0.11 -11.90 11.98
C VAL A 149 -0.60 -10.76 12.87
N LYS A 150 -0.41 -10.96 14.15
CA LYS A 150 -1.09 -10.13 15.08
C LYS A 150 -0.29 -9.36 16.12
N GLY A 151 -0.70 -8.11 16.32
CA GLY A 151 -0.14 -7.27 17.33
C GLY A 151 1.31 -6.82 17.15
N TYR A 152 1.65 -6.32 16.00
CA TYR A 152 2.99 -5.93 15.69
C TYR A 152 3.11 -4.47 15.38
N PHE A 153 4.32 -3.94 15.49
CA PHE A 153 4.64 -2.54 15.28
C PHE A 153 6.15 -2.21 15.20
N PRO A 154 6.67 -1.33 14.24
CA PRO A 154 5.70 -0.77 13.30
C PRO A 154 5.58 -1.55 11.98
N GLU A 155 4.91 -0.98 11.00
CA GLU A 155 4.88 -1.51 9.64
C GLU A 155 6.33 -1.41 9.12
N PRO A 156 6.79 -2.39 8.32
CA PRO A 156 6.00 -3.48 7.75
C PRO A 156 6.40 -4.85 8.27
N VAL A 157 5.68 -5.85 7.77
CA VAL A 157 6.01 -7.25 7.98
C VAL A 157 6.06 -7.83 6.55
N THR A 158 6.80 -8.92 6.34
CA THR A 158 6.72 -9.57 5.05
C THR A 158 6.32 -11.03 5.21
N LEU A 159 5.51 -11.50 4.27
CA LEU A 159 4.89 -12.82 4.34
C LEU A 159 5.29 -13.69 3.18
N THR A 160 5.76 -14.91 3.49
CA THR A 160 6.03 -15.89 2.46
C THR A 160 5.46 -17.21 2.90
N TRP A 161 5.23 -18.11 1.94
CA TRP A 161 4.77 -19.46 2.23
C TRP A 161 5.77 -20.45 1.66
N ASN A 162 6.16 -21.43 2.46
CA ASN A 162 7.25 -22.33 2.11
C ASN A 162 8.48 -21.59 1.59
N SER A 163 8.77 -20.45 2.22
CA SER A 163 9.98 -19.67 1.99
C SER A 163 10.07 -19.06 0.60
N GLY A 164 8.94 -18.91 -0.07
CA GLY A 164 8.92 -18.37 -1.41
C GLY A 164 8.59 -19.40 -2.46
N SER A 165 8.63 -20.69 -2.10
CA SER A 165 8.28 -21.76 -3.04
C SER A 165 6.83 -21.67 -3.52
N LEU A 166 5.93 -21.35 -2.59
CA LEU A 166 4.52 -21.09 -2.86
C LEU A 166 4.31 -19.59 -3.01
N SER A 167 4.18 -19.11 -4.23
CA SER A 167 4.04 -17.68 -4.47
C SER A 167 2.73 -17.36 -5.17
N SER A 168 2.38 -18.19 -6.14
CA SER A 168 1.10 -18.07 -6.83
C SER A 168 0.00 -18.63 -5.91
N GLY A 169 -1.15 -17.97 -5.91
CA GLY A 169 -2.27 -18.36 -5.05
C GLY A 169 -2.27 -17.64 -3.70
N VAL A 170 -1.21 -16.87 -3.44
CA VAL A 170 -1.05 -16.18 -2.17
C VAL A 170 -1.68 -14.78 -2.21
N HIS A 171 -2.48 -14.46 -1.20
CA HIS A 171 -2.97 -13.09 -1.02
C HIS A 171 -2.51 -12.60 0.33
N THR A 172 -1.80 -11.49 0.34
CA THR A 172 -1.34 -10.95 1.59
C THR A 172 -1.97 -9.61 1.79
N PHE A 173 -2.79 -9.52 2.83
CA PHE A 173 -3.61 -8.35 3.02
C PHE A 173 -2.86 -7.24 3.75
N PRO A 174 -3.05 -5.99 3.32
CA PRO A 174 -2.50 -4.77 3.91
C PRO A 174 -2.84 -4.69 5.39
N ALA A 175 -1.92 -4.18 6.20
CA ALA A 175 -2.12 -4.19 7.66
C ALA A 175 -3.23 -3.25 8.07
N VAL A 176 -3.89 -3.58 9.18
CA VAL A 176 -4.85 -2.66 9.79
C VAL A 176 -4.44 -2.37 11.23
N LEU A 177 -4.52 -1.10 11.61
CA LEU A 177 -4.25 -0.69 12.98
C LEU A 177 -5.45 -0.89 13.91
N GLN A 178 -5.22 -1.55 15.04
CA GLN A 178 -6.24 -1.64 16.10
C GLN A 178 -5.58 -1.78 17.49
N SER A 179 -6.09 -1.04 18.47
CA SER A 179 -5.47 -0.94 19.79
C SER A 179 -4.01 -0.55 19.67
N ASP A 180 -3.74 0.39 18.76
CA ASP A 180 -2.40 0.91 18.45
C ASP A 180 -1.34 -0.11 18.01
N LEU A 181 -1.79 -1.27 17.52
CA LEU A 181 -0.88 -2.27 16.94
C LEU A 181 -1.44 -2.77 15.60
N TYR A 182 -0.57 -3.33 14.77
CA TYR A 182 -1.01 -3.77 13.44
C TYR A 182 -1.39 -5.24 13.39
N THR A 183 -2.29 -5.58 12.48
CA THR A 183 -2.67 -6.96 12.25
C THR A 183 -2.87 -7.17 10.76
N LEU A 184 -2.37 -8.29 10.25
CA LEU A 184 -2.72 -8.68 8.89
C LEU A 184 -2.81 -10.18 8.80
N SER A 185 -3.28 -10.63 7.65
CA SER A 185 -3.44 -12.05 7.39
C SER A 185 -2.95 -12.33 5.98
N SER A 186 -2.67 -13.60 5.72
CA SER A 186 -2.26 -14.03 4.40
C SER A 186 -2.93 -15.35 4.12
N SER A 187 -3.35 -15.55 2.88
CA SER A 187 -4.01 -16.80 2.50
C SER A 187 -3.25 -17.47 1.38
N VAL A 188 -3.27 -18.79 1.35
CA VAL A 188 -2.66 -19.56 0.26
C VAL A 188 -3.60 -20.71 -0.09
N THR A 189 -3.56 -21.13 -1.33
CA THR A 189 -4.39 -22.24 -1.77
C THR A 189 -3.50 -23.36 -2.26
N VAL A 190 -3.75 -24.57 -1.76
CA VAL A 190 -2.97 -25.71 -2.20
C VAL A 190 -3.90 -26.85 -2.60
N THR A 191 -3.30 -27.83 -3.25
CA THR A 191 -4.00 -29.04 -3.68
C THR A 191 -4.57 -29.84 -2.50
N SER A 192 -5.84 -30.18 -2.57
CA SER A 192 -6.47 -30.92 -1.48
C SER A 192 -5.93 -32.34 -1.27
N SER A 193 -5.49 -32.99 -2.34
CA SER A 193 -4.99 -34.35 -2.24
C SER A 193 -3.58 -34.42 -1.66
N THR A 194 -2.90 -33.28 -1.55
CA THR A 194 -1.53 -33.30 -1.03
C THR A 194 -1.36 -32.63 0.32
N TRP A 195 -2.46 -32.16 0.89
CA TRP A 195 -2.41 -31.59 2.23
C TRP A 195 -3.26 -32.46 3.16
N PRO A 196 -2.70 -32.83 4.32
CA PRO A 196 -1.45 -32.29 4.89
C PRO A 196 -0.15 -33.05 4.55
N SER A 197 -0.22 -34.13 3.78
CA SER A 197 0.96 -34.98 3.54
C SER A 197 2.20 -34.24 3.02
N GLN A 198 2.02 -33.09 2.40
CA GLN A 198 3.17 -32.22 2.19
C GLN A 198 2.99 -30.88 2.88
N SER A 199 3.94 -30.58 3.75
CA SER A 199 3.82 -29.52 4.73
C SER A 199 3.69 -28.11 4.12
N ILE A 200 2.92 -27.27 4.80
CA ILE A 200 2.79 -25.88 4.40
C ILE A 200 3.08 -24.97 5.59
N THR A 201 3.98 -24.01 5.37
CA THR A 201 4.50 -23.16 6.43
C THR A 201 4.42 -21.70 6.04
N CYS A 202 3.80 -20.87 6.85
CA CYS A 202 3.91 -19.45 6.59
C CYS A 202 5.13 -18.90 7.32
N ASN A 203 5.90 -18.06 6.64
CA ASN A 203 7.05 -17.44 7.26
C ASN A 203 6.78 -15.95 7.35
N VAL A 204 7.06 -15.40 8.52
CA VAL A 204 6.82 -13.97 8.76
C VAL A 204 8.09 -13.34 9.27
N ALA A 205 8.47 -12.20 8.70
CA ALA A 205 9.62 -11.47 9.21
C ALA A 205 9.22 -10.06 9.53
N HIS A 206 9.82 -9.50 10.57
CA HIS A 206 9.49 -8.15 11.00
C HIS A 206 10.78 -7.32 11.14
N PRO A 207 11.09 -6.50 10.12
CA PRO A 207 12.38 -5.79 10.06
C PRO A 207 12.73 -5.04 11.33
N ALA A 208 11.84 -4.16 11.79
CA ALA A 208 12.10 -3.33 12.97
C ALA A 208 12.65 -4.10 14.18
N SER A 209 12.07 -5.25 14.47
CA SER A 209 12.47 -6.01 15.64
C SER A 209 13.42 -7.16 15.30
N SER A 210 13.86 -7.20 14.05
CA SER A 210 14.73 -8.27 13.56
C SER A 210 14.17 -9.67 13.83
N THR A 211 12.84 -9.79 13.90
CA THR A 211 12.18 -11.06 14.22
C THR A 211 11.80 -11.86 12.98
N LYS A 212 11.95 -13.19 13.06
CA LYS A 212 11.49 -14.09 12.02
C LYS A 212 10.79 -15.28 12.66
N VAL A 213 9.61 -15.63 12.13
CA VAL A 213 8.80 -16.73 12.65
C VAL A 213 8.36 -17.62 11.51
N ASP A 214 8.49 -18.94 11.69
CA ASP A 214 7.90 -19.93 10.81
C ASP A 214 6.78 -20.67 11.53
N LYS A 215 5.69 -20.94 10.82
CA LYS A 215 4.53 -21.61 11.44
C LYS A 215 3.92 -22.63 10.49
N LYS A 216 4.05 -23.92 10.81
CA LYS A 216 3.47 -24.98 9.97
C LYS A 216 1.95 -25.01 10.15
N ILE A 217 1.24 -25.30 9.06
CA ILE A 217 -0.22 -25.36 9.17
C ILE A 217 -0.66 -26.79 9.43
N GLU A 218 -1.08 -27.08 10.66
CA GLU A 218 -1.65 -28.39 11.01
C GLU A 218 -3.12 -28.52 10.87
N PRO A 219 -3.59 -29.67 10.49
CA PRO A 219 -5.00 -29.94 10.44
C PRO A 219 -5.59 -30.03 11.83
N ARG A 220 -6.86 -29.68 11.95
CA ARG A 220 -7.59 -29.48 13.21
C ARG A 220 -8.45 -28.18 13.35
N ASN B 1 -1.50 28.87 -3.10
CA ASN B 1 -1.03 27.58 -3.59
C ASN B 1 -1.83 27.12 -4.78
N ILE B 2 -1.15 26.55 -5.75
CA ILE B 2 -1.83 25.94 -6.88
C ILE B 2 -2.38 24.58 -6.46
N VAL B 3 -3.68 24.54 -6.18
CA VAL B 3 -4.34 23.28 -5.83
C VAL B 3 -4.61 22.46 -7.09
N MET B 4 -4.23 21.19 -7.06
CA MET B 4 -4.50 20.25 -8.15
C MET B 4 -5.56 19.26 -7.70
N THR B 5 -6.71 19.29 -8.37
CA THR B 5 -7.78 18.35 -8.08
C THR B 5 -7.79 17.25 -9.14
N GLN B 6 -7.51 16.03 -8.71
CA GLN B 6 -7.38 14.93 -9.65
C GLN B 6 -8.60 14.03 -9.52
N SER B 7 -9.25 13.73 -10.63
CA SER B 7 -10.40 12.83 -10.57
C SER B 7 -10.41 11.91 -11.77
N PRO B 8 -10.93 10.68 -11.59
CA PRO B 8 -11.40 10.15 -10.31
C PRO B 8 -10.19 9.58 -9.56
N LYS B 9 -10.31 9.38 -8.25
CA LYS B 9 -9.22 8.78 -7.48
C LYS B 9 -9.16 7.29 -7.81
N SER B 10 -10.27 6.75 -8.28
CA SER B 10 -10.30 5.34 -8.62
C SER B 10 -10.97 5.16 -9.97
N MET B 11 -10.31 4.44 -10.86
CA MET B 11 -10.86 4.27 -12.19
C MET B 11 -10.60 2.88 -12.73
N SER B 12 -11.67 2.24 -13.24
CA SER B 12 -11.57 0.91 -13.87
C SER B 12 -11.80 1.03 -15.37
N MET B 13 -10.93 0.37 -16.14
CA MET B 13 -10.99 0.46 -17.60
C MET B 13 -10.73 -0.92 -18.20
N SER B 14 -11.57 -1.32 -19.16
CA SER B 14 -11.41 -2.60 -19.85
C SER B 14 -10.18 -2.52 -20.77
N VAL B 15 -9.40 -3.61 -20.85
CA VAL B 15 -8.25 -3.64 -21.77
C VAL B 15 -8.76 -3.41 -23.19
N GLY B 16 -8.05 -2.59 -23.94
CA GLY B 16 -8.51 -2.22 -25.27
C GLY B 16 -9.23 -0.89 -25.29
N GLU B 17 -9.69 -0.43 -24.13
CA GLU B 17 -10.46 0.82 -24.07
C GLU B 17 -9.62 2.04 -23.71
N ARG B 18 -10.25 3.22 -23.68
CA ARG B 18 -9.54 4.45 -23.43
C ARG B 18 -9.60 4.84 -21.96
N VAL B 19 -8.44 5.09 -21.36
CA VAL B 19 -8.46 5.62 -20.00
C VAL B 19 -8.28 7.12 -20.01
N THR B 20 -9.13 7.85 -19.31
CA THR B 20 -8.98 9.30 -19.22
C THR B 20 -8.89 9.77 -17.78
N LEU B 21 -7.88 10.58 -17.52
CA LEU B 21 -7.57 11.01 -16.18
C LEU B 21 -7.48 12.52 -16.17
N THR B 22 -8.27 13.17 -15.32
CA THR B 22 -8.30 14.63 -15.30
C THR B 22 -7.63 15.28 -14.09
N CYS B 23 -7.02 16.43 -14.34
CA CYS B 23 -6.34 17.15 -13.28
C CYS B 23 -6.69 18.62 -13.50
N LYS B 24 -7.50 19.20 -12.61
CA LYS B 24 -7.78 20.63 -12.75
C LYS B 24 -7.05 21.47 -11.71
N ALA B 25 -6.37 22.50 -12.18
CA ALA B 25 -5.64 23.42 -11.29
C ALA B 25 -6.56 24.56 -10.81
N SER B 26 -6.29 25.05 -9.60
CA SER B 26 -7.07 26.13 -8.97
C SER B 26 -6.72 27.47 -9.61
N GLU B 27 -5.57 27.52 -10.26
CA GLU B 27 -5.18 28.68 -11.03
C GLU B 27 -4.31 28.22 -12.18
N ASN B 28 -3.89 29.18 -13.00
CA ASN B 28 -3.23 28.89 -14.27
C ASN B 28 -1.85 28.23 -14.15
N VAL B 29 -1.63 27.22 -15.00
CA VAL B 29 -0.35 26.51 -15.10
C VAL B 29 0.14 26.65 -16.54
N VAL B 30 1.41 26.99 -16.74
CA VAL B 30 1.87 27.27 -18.11
C VAL B 30 2.78 26.15 -18.65
N THR B 31 2.16 25.10 -19.19
CA THR B 31 2.90 23.92 -19.67
C THR B 31 3.81 23.39 -18.57
N TYR B 32 3.35 23.44 -17.33
CA TYR B 32 4.17 23.00 -16.20
C TYR B 32 3.55 21.81 -15.48
N VAL B 33 2.56 21.16 -16.09
CA VAL B 33 2.02 19.94 -15.49
C VAL B 33 2.91 18.76 -15.92
N SER B 34 3.24 17.91 -14.94
CA SER B 34 3.90 16.66 -15.22
C SER B 34 2.99 15.56 -14.72
N TRP B 35 3.22 14.34 -15.20
CA TRP B 35 2.47 13.17 -14.74
C TRP B 35 3.48 12.11 -14.29
N TYR B 36 3.12 11.38 -13.24
CA TYR B 36 3.96 10.31 -12.74
C TYR B 36 3.15 9.02 -12.66
N GLN B 37 3.82 7.91 -12.97
CA GLN B 37 3.23 6.61 -12.83
C GLN B 37 3.93 5.95 -11.64
N GLN B 38 3.13 5.38 -10.73
CA GLN B 38 3.72 4.65 -9.61
C GLN B 38 3.15 3.22 -9.52
N LYS B 39 3.98 2.26 -9.88
CA LYS B 39 3.60 0.86 -9.77
C LYS B 39 3.84 0.39 -8.33
N PRO B 40 3.00 -0.56 -7.85
CA PRO B 40 2.84 -0.97 -6.45
C PRO B 40 4.09 -0.92 -5.58
N GLU B 41 5.07 -1.76 -5.89
CA GLU B 41 6.29 -1.79 -5.08
C GLU B 41 7.11 -0.51 -5.17
N GLN B 42 6.97 0.25 -6.25
CA GLN B 42 7.99 1.24 -6.60
C GLN B 42 7.74 2.72 -6.36
N SER B 43 8.80 3.47 -6.61
CA SER B 43 8.81 4.92 -6.55
C SER B 43 8.13 5.49 -7.79
N PRO B 44 7.57 6.70 -7.68
CA PRO B 44 6.99 7.35 -8.87
C PRO B 44 8.04 7.50 -9.97
N LYS B 45 7.63 7.39 -11.22
CA LYS B 45 8.55 7.60 -12.34
C LYS B 45 7.95 8.64 -13.29
N LEU B 46 8.79 9.54 -13.83
CA LEU B 46 8.26 10.59 -14.70
C LEU B 46 7.70 9.99 -16.00
N LEU B 47 6.48 10.39 -16.33
CA LEU B 47 5.74 9.81 -17.45
C LEU B 47 5.61 10.87 -18.54
N ILE B 48 5.05 12.00 -18.15
CA ILE B 48 4.91 13.18 -18.98
C ILE B 48 5.53 14.45 -18.39
N TYR B 49 6.23 15.16 -19.21
CA TYR B 49 6.70 16.46 -18.84
C TYR B 49 6.16 17.54 -19.76
N GLY B 50 6.03 18.72 -19.24
CA GLY B 50 5.55 19.83 -19.97
C GLY B 50 4.23 19.58 -20.62
N ALA B 51 3.30 18.99 -19.90
CA ALA B 51 1.96 18.72 -20.37
C ALA B 51 1.76 17.60 -21.38
N SER B 52 2.59 17.50 -22.40
CA SER B 52 2.41 16.54 -23.46
C SER B 52 3.64 15.81 -24.01
N ASN B 53 4.79 16.03 -23.41
CA ASN B 53 5.97 15.30 -23.81
C ASN B 53 6.16 13.99 -23.07
N ARG B 54 6.42 12.95 -23.82
CA ARG B 54 6.63 11.65 -23.25
C ARG B 54 8.05 11.56 -22.78
N TYR B 55 8.29 10.90 -21.66
CA TYR B 55 9.66 10.74 -21.16
C TYR B 55 10.27 9.43 -21.66
N THR B 56 11.56 9.22 -21.37
CA THR B 56 12.33 8.09 -21.86
C THR B 56 11.64 6.75 -21.60
N GLY B 57 11.38 6.01 -22.67
CA GLY B 57 10.78 4.70 -22.57
C GLY B 57 9.30 4.68 -22.24
N VAL B 58 8.64 5.82 -22.39
CA VAL B 58 7.19 5.90 -22.21
C VAL B 58 6.48 5.59 -23.53
N PRO B 59 5.65 4.53 -23.55
CA PRO B 59 4.87 4.12 -24.73
C PRO B 59 4.00 5.25 -25.27
N ASP B 60 3.83 5.33 -26.59
CA ASP B 60 3.02 6.38 -27.20
C ASP B 60 1.53 6.22 -26.90
N ARG B 61 1.14 5.10 -26.32
CA ARG B 61 -0.19 4.94 -25.82
C ARG B 61 -0.46 5.91 -24.69
N PHE B 62 0.56 6.54 -24.15
CA PHE B 62 0.36 7.53 -23.14
C PHE B 62 0.42 8.89 -23.79
N THR B 63 -0.63 9.68 -23.70
CA THR B 63 -0.57 11.08 -24.05
C THR B 63 -1.13 12.04 -23.01
N GLY B 64 -0.47 13.17 -22.91
CA GLY B 64 -0.91 14.20 -22.03
C GLY B 64 -1.32 15.40 -22.79
N SER B 65 -2.31 16.07 -22.29
CA SER B 65 -2.84 17.22 -22.91
C SER B 65 -3.32 18.24 -21.92
N GLY B 66 -3.46 19.43 -22.42
CA GLY B 66 -4.15 20.44 -21.71
C GLY B 66 -3.42 21.74 -21.80
N SER B 67 -3.95 22.71 -21.10
CA SER B 67 -3.44 24.09 -20.97
C SER B 67 -4.27 24.83 -19.93
N ALA B 68 -3.77 25.96 -19.49
CA ALA B 68 -4.40 26.77 -18.44
C ALA B 68 -4.69 25.97 -17.16
N THR B 69 -5.97 25.75 -16.87
CA THR B 69 -6.34 25.09 -15.63
C THR B 69 -6.77 23.64 -15.83
N ASP B 70 -6.78 23.16 -17.07
CA ASP B 70 -7.29 21.83 -17.38
C ASP B 70 -6.30 20.93 -18.11
N PHE B 71 -5.91 19.85 -17.49
CA PHE B 71 -5.01 18.88 -18.06
C PHE B 71 -5.56 17.46 -18.03
N THR B 72 -5.03 16.61 -18.87
CA THR B 72 -5.47 15.23 -18.92
C THR B 72 -4.41 14.26 -19.22
N LEU B 73 -4.58 13.07 -18.70
CA LEU B 73 -3.76 11.97 -19.10
C LEU B 73 -4.68 10.92 -19.68
N THR B 74 -4.27 10.39 -20.78
CA THR B 74 -5.10 9.61 -21.60
C THR B 74 -4.26 8.40 -22.01
N ILE B 75 -4.76 7.22 -21.75
CA ILE B 75 -4.09 5.99 -22.08
C ILE B 75 -4.95 5.13 -23.02
N SER B 76 -4.60 5.14 -24.28
CA SER B 76 -5.41 4.47 -25.27
C SER B 76 -4.60 3.61 -26.16
N SER B 77 -4.68 2.31 -26.06
CA SER B 77 -5.56 1.52 -25.22
C SER B 77 -4.93 1.05 -23.94
N VAL B 78 -5.70 0.81 -22.90
CA VAL B 78 -5.16 0.30 -21.65
C VAL B 78 -4.72 -1.10 -21.90
N GLN B 79 -3.58 -1.40 -21.38
CA GLN B 79 -3.08 -2.72 -21.35
C GLN B 79 -2.88 -3.12 -19.90
N ALA B 80 -2.70 -4.39 -19.66
CA ALA B 80 -2.62 -4.99 -18.35
C ALA B 80 -1.62 -4.37 -17.41
N GLU B 81 -0.51 -3.99 -17.99
CA GLU B 81 0.58 -3.39 -17.31
C GLU B 81 0.44 -1.90 -16.94
N ASP B 82 -0.64 -1.26 -17.33
CA ASP B 82 -0.86 0.15 -17.08
C ASP B 82 -1.48 0.36 -15.70
N LEU B 83 -1.73 -0.74 -15.03
CA LEU B 83 -2.17 -0.79 -13.66
C LEU B 83 -1.23 -0.16 -12.69
N ALA B 84 -1.63 0.94 -12.09
CA ALA B 84 -0.77 1.82 -11.32
C ALA B 84 -1.52 2.98 -10.66
N ASP B 85 -0.79 3.72 -9.84
CA ASP B 85 -1.25 5.03 -9.37
C ASP B 85 -0.69 6.12 -10.28
N TYR B 86 -1.53 7.07 -10.70
CA TYR B 86 -1.07 8.18 -11.54
C TYR B 86 -1.25 9.52 -10.82
N HIS B 87 -0.23 10.37 -10.90
CA HIS B 87 -0.21 11.62 -10.14
C HIS B 87 0.12 12.79 -11.09
N CYS B 88 -0.73 13.82 -11.12
CA CYS B 88 -0.35 15.06 -11.78
C CYS B 88 0.44 15.95 -10.80
N GLY B 89 1.26 16.84 -11.32
CA GLY B 89 2.05 17.72 -10.49
C GLY B 89 2.46 18.96 -11.25
N GLN B 90 2.43 20.11 -10.59
CA GLN B 90 2.88 21.35 -11.23
C GLN B 90 4.24 21.84 -10.75
N GLY B 91 5.11 22.16 -11.70
CA GLY B 91 6.41 22.70 -11.38
C GLY B 91 6.47 24.18 -11.76
N TYR B 92 5.34 24.86 -11.66
CA TYR B 92 5.22 26.26 -12.06
C TYR B 92 5.57 27.21 -10.92
N SER B 93 5.22 26.82 -9.70
CA SER B 93 5.25 27.73 -8.57
C SER B 93 5.54 26.99 -7.28
N TYR B 94 6.38 27.58 -6.43
CA TYR B 94 6.45 27.13 -5.05
C TYR B 94 5.22 27.59 -4.29
N PRO B 95 4.64 26.71 -3.45
CA PRO B 95 5.04 25.30 -3.27
C PRO B 95 4.63 24.41 -4.44
N TYR B 96 5.53 23.54 -4.89
CA TYR B 96 5.17 22.53 -5.88
C TYR B 96 4.08 21.65 -5.27
N THR B 97 3.10 21.27 -6.08
CA THR B 97 1.94 20.52 -5.60
C THR B 97 1.59 19.35 -6.51
N PHE B 98 0.90 18.36 -5.94
CA PHE B 98 0.53 17.16 -6.67
C PHE B 98 -0.97 17.01 -6.59
N GLY B 99 -1.57 16.26 -7.52
CA GLY B 99 -2.95 15.88 -7.39
C GLY B 99 -3.01 14.80 -6.35
N GLY B 100 -4.22 14.40 -5.95
CA GLY B 100 -4.37 13.38 -4.91
C GLY B 100 -4.05 11.98 -5.43
N GLY B 101 -3.92 11.85 -6.75
CA GLY B 101 -3.65 10.55 -7.34
C GLY B 101 -4.88 9.82 -7.85
N THR B 102 -4.69 8.96 -8.85
CA THR B 102 -5.73 8.09 -9.39
C THR B 102 -5.21 6.65 -9.40
N LYS B 103 -6.02 5.71 -8.93
CA LYS B 103 -5.65 4.30 -9.00
C LYS B 103 -6.32 3.67 -10.22
N LEU B 104 -5.56 3.38 -11.23
CA LEU B 104 -6.07 2.75 -12.40
C LEU B 104 -6.16 1.24 -12.23
N GLU B 105 -7.31 0.70 -12.45
CA GLU B 105 -7.55 -0.70 -12.41
C GLU B 105 -8.14 -1.20 -13.74
N ILE B 106 -8.00 -2.47 -13.96
CA ILE B 106 -8.61 -3.17 -15.04
C ILE B 106 -10.04 -3.57 -14.71
N LYS B 107 -10.94 -3.21 -15.60
CA LYS B 107 -12.27 -3.73 -15.58
C LYS B 107 -12.33 -5.11 -16.19
N ARG B 108 -12.84 -6.09 -15.49
CA ARG B 108 -13.07 -7.43 -16.03
C ARG B 108 -14.49 -7.90 -15.75
N ALA B 109 -14.78 -9.14 -16.03
CA ALA B 109 -16.06 -9.74 -15.70
C ALA B 109 -16.36 -9.92 -14.22
N ASP B 110 -17.61 -9.73 -13.83
CA ASP B 110 -18.00 -9.99 -12.44
C ASP B 110 -17.52 -11.37 -11.97
N ALA B 111 -17.11 -11.45 -10.71
CA ALA B 111 -16.72 -12.75 -10.15
C ALA B 111 -17.17 -12.80 -8.71
N ALA B 112 -17.93 -13.85 -8.36
CA ALA B 112 -18.36 -14.04 -6.97
C ALA B 112 -17.18 -14.38 -6.08
N PRO B 113 -17.19 -13.89 -4.82
CA PRO B 113 -16.10 -14.17 -3.89
C PRO B 113 -16.14 -15.63 -3.45
N THR B 114 -14.96 -16.23 -3.30
CA THR B 114 -14.87 -17.54 -2.65
C THR B 114 -14.54 -17.30 -1.18
N VAL B 115 -15.42 -17.77 -0.29
CA VAL B 115 -15.32 -17.48 1.14
C VAL B 115 -14.84 -18.69 1.92
N SER B 116 -13.81 -18.48 2.73
CA SER B 116 -13.36 -19.47 3.73
C SER B 116 -13.47 -18.82 5.11
N ILE B 117 -13.85 -19.60 6.10
CA ILE B 117 -13.90 -19.09 7.47
C ILE B 117 -12.99 -19.92 8.36
N PHE B 118 -12.40 -19.30 9.38
CA PHE B 118 -11.42 -19.95 10.24
C PHE B 118 -11.62 -19.58 11.70
N PRO B 119 -11.86 -20.60 12.54
CA PRO B 119 -11.96 -20.45 14.00
C PRO B 119 -10.61 -20.03 14.52
N PRO B 120 -10.57 -19.39 15.71
CA PRO B 120 -9.27 -19.10 16.30
C PRO B 120 -8.44 -20.37 16.44
N SER B 121 -7.13 -20.27 16.21
CA SER B 121 -6.24 -21.40 16.44
C SER B 121 -6.19 -21.74 17.94
N SER B 122 -5.88 -23.00 18.24
CA SER B 122 -5.66 -23.41 19.61
C SER B 122 -4.48 -22.64 20.25
N GLU B 123 -3.50 -22.24 19.44
CA GLU B 123 -2.38 -21.43 19.93
C GLU B 123 -2.74 -20.01 20.36
N GLN B 124 -3.66 -19.37 19.63
CA GLN B 124 -4.15 -18.05 20.06
C GLN B 124 -4.98 -18.22 21.33
N LEU B 125 -5.88 -19.20 21.34
CA LEU B 125 -6.77 -19.42 22.48
C LEU B 125 -6.02 -19.58 23.78
N THR B 126 -4.96 -20.37 23.73
CA THR B 126 -4.11 -20.69 24.88
C THR B 126 -3.40 -19.44 25.41
N SER B 127 -3.30 -18.41 24.58
CA SER B 127 -2.75 -17.11 25.01
C SER B 127 -3.85 -16.16 25.47
N GLY B 128 -5.10 -16.54 25.26
CA GLY B 128 -6.20 -15.72 25.72
C GLY B 128 -6.86 -14.89 24.64
N GLY B 129 -6.44 -15.08 23.39
CA GLY B 129 -6.99 -14.32 22.28
C GLY B 129 -7.98 -15.15 21.49
N ALA B 130 -8.77 -14.50 20.65
CA ALA B 130 -9.73 -15.25 19.83
C ALA B 130 -10.15 -14.45 18.61
N SER B 131 -9.28 -14.43 17.60
CA SER B 131 -9.64 -13.81 16.35
C SER B 131 -10.31 -14.83 15.45
N VAL B 132 -11.45 -14.46 14.87
CA VAL B 132 -12.08 -15.28 13.84
C VAL B 132 -11.78 -14.64 12.50
N VAL B 133 -11.44 -15.44 11.49
CA VAL B 133 -11.01 -14.86 10.21
C VAL B 133 -11.83 -15.39 9.01
N CYS B 134 -12.29 -14.45 8.18
CA CYS B 134 -12.95 -14.77 6.91
C CYS B 134 -12.16 -14.23 5.71
N PHE B 135 -11.78 -15.13 4.80
CA PHE B 135 -11.19 -14.72 3.54
C PHE B 135 -12.27 -14.67 2.47
N LEU B 136 -12.31 -13.54 1.74
CA LEU B 136 -13.19 -13.38 0.60
C LEU B 136 -12.32 -13.16 -0.63
N ASN B 137 -12.12 -14.23 -1.39
CA ASN B 137 -11.08 -14.26 -2.42
C ASN B 137 -11.54 -14.20 -3.88
N ASN B 138 -10.73 -13.53 -4.71
CA ASN B 138 -10.89 -13.52 -6.16
C ASN B 138 -12.26 -13.06 -6.67
N PHE B 139 -12.69 -11.89 -6.22
CA PHE B 139 -13.97 -11.34 -6.66
C PHE B 139 -13.79 -10.07 -7.52
N TYR B 140 -14.85 -9.73 -8.25
CA TYR B 140 -14.89 -8.47 -8.99
C TYR B 140 -16.36 -8.11 -9.23
N PRO B 141 -16.71 -6.82 -9.06
CA PRO B 141 -15.87 -5.64 -8.74
C PRO B 141 -15.47 -5.54 -7.27
N LYS B 142 -14.75 -4.47 -6.93
CA LYS B 142 -14.10 -4.39 -5.64
C LYS B 142 -15.03 -4.10 -4.47
N ASP B 143 -16.16 -3.44 -4.73
CA ASP B 143 -17.06 -3.05 -3.63
C ASP B 143 -17.72 -4.29 -3.03
N ILE B 144 -17.56 -4.48 -1.73
CA ILE B 144 -18.13 -5.63 -1.06
C ILE B 144 -18.37 -5.19 0.37
N ASN B 145 -19.44 -5.71 0.96
CA ASN B 145 -19.76 -5.34 2.33
C ASN B 145 -19.83 -6.58 3.23
N VAL B 146 -19.02 -6.62 4.28
CA VAL B 146 -18.98 -7.78 5.17
C VAL B 146 -19.57 -7.50 6.54
N LYS B 147 -20.48 -8.36 6.99
CA LYS B 147 -21.00 -8.29 8.35
C LYS B 147 -20.68 -9.57 9.13
N TRP B 148 -20.38 -9.43 10.42
CA TRP B 148 -20.20 -10.57 11.29
C TRP B 148 -21.44 -10.77 12.14
N LYS B 149 -21.83 -12.03 12.33
CA LYS B 149 -22.88 -12.37 13.28
C LYS B 149 -22.34 -13.38 14.29
N ILE B 150 -22.76 -13.20 15.52
CA ILE B 150 -22.41 -14.11 16.60
C ILE B 150 -23.74 -14.57 17.19
N ASP B 151 -23.97 -15.88 17.19
CA ASP B 151 -25.27 -16.47 17.53
C ASP B 151 -26.40 -15.73 16.83
N GLY B 152 -26.16 -15.36 15.56
CA GLY B 152 -27.18 -14.70 14.77
C GLY B 152 -27.31 -13.19 14.92
N SER B 153 -26.57 -12.59 15.85
CA SER B 153 -26.65 -11.15 16.09
C SER B 153 -25.48 -10.38 15.50
N GLU B 154 -25.78 -9.28 14.80
CA GLU B 154 -24.73 -8.50 14.16
C GLU B 154 -23.76 -7.91 15.18
N ARG B 155 -22.49 -7.83 14.80
CA ARG B 155 -21.41 -7.38 15.67
C ARG B 155 -20.41 -6.65 14.78
N GLN B 156 -20.25 -5.35 15.01
CA GLN B 156 -19.33 -4.56 14.21
C GLN B 156 -18.17 -4.05 15.05
N ASN B 157 -18.27 -4.26 16.36
CA ASN B 157 -17.16 -3.98 17.25
C ASN B 157 -16.11 -5.09 17.18
N GLY B 158 -14.87 -4.71 16.89
CA GLY B 158 -13.77 -5.66 16.80
C GLY B 158 -13.56 -6.18 15.39
N VAL B 159 -14.27 -5.61 14.41
CA VAL B 159 -14.15 -6.05 13.01
C VAL B 159 -13.09 -5.29 12.21
N LEU B 160 -12.16 -6.04 11.63
CA LEU B 160 -11.07 -5.51 10.81
C LEU B 160 -11.23 -5.94 9.36
N ASN B 161 -11.36 -4.98 8.45
CA ASN B 161 -11.48 -5.33 7.04
C ASN B 161 -10.29 -4.77 6.25
N SER B 162 -9.75 -5.59 5.34
CA SER B 162 -8.60 -5.21 4.53
C SER B 162 -8.73 -5.76 3.11
N TRP B 163 -8.54 -4.89 2.11
CA TRP B 163 -8.60 -5.24 0.68
C TRP B 163 -7.20 -5.29 0.05
N THR B 164 -6.87 -6.34 -0.69
CA THR B 164 -5.65 -6.27 -1.50
C THR B 164 -5.87 -5.28 -2.63
N ASP B 165 -4.81 -4.91 -3.34
CA ASP B 165 -4.97 -4.22 -4.62
C ASP B 165 -5.28 -5.25 -5.69
N GLN B 166 -5.62 -4.79 -6.88
CA GLN B 166 -5.94 -5.69 -7.97
C GLN B 166 -4.83 -6.72 -8.22
N ASP B 167 -5.22 -7.99 -8.32
CA ASP B 167 -4.29 -9.09 -8.53
C ASP B 167 -3.81 -9.07 -9.96
N SER B 168 -2.50 -9.12 -10.14
CA SER B 168 -1.91 -8.99 -11.47
C SER B 168 -2.28 -10.16 -12.39
N LYS B 169 -2.42 -11.35 -11.80
CA LYS B 169 -2.71 -12.58 -12.54
C LYS B 169 -4.13 -12.66 -13.12
N ASP B 170 -5.15 -12.35 -12.32
CA ASP B 170 -6.52 -12.43 -12.84
C ASP B 170 -7.34 -11.15 -12.73
N SER B 171 -6.73 -10.07 -12.24
CA SER B 171 -7.41 -8.78 -12.13
C SER B 171 -8.60 -8.81 -11.18
N THR B 172 -8.61 -9.79 -10.27
CA THR B 172 -9.62 -9.84 -9.22
C THR B 172 -9.12 -9.19 -7.95
N TYR B 173 -10.04 -8.99 -7.01
CA TYR B 173 -9.69 -8.51 -5.69
C TYR B 173 -9.87 -9.62 -4.69
N SER B 174 -9.26 -9.46 -3.53
CA SER B 174 -9.52 -10.30 -2.39
C SER B 174 -9.52 -9.38 -1.18
N MET B 175 -10.25 -9.80 -0.16
CA MET B 175 -10.25 -9.04 1.07
C MET B 175 -10.30 -9.98 2.25
N SER B 176 -9.82 -9.49 3.38
CA SER B 176 -9.80 -10.26 4.61
C SER B 176 -10.64 -9.53 5.63
N SER B 177 -11.41 -10.29 6.40
CA SER B 177 -12.23 -9.72 7.47
C SER B 177 -11.97 -10.49 8.76
N THR B 178 -11.60 -9.76 9.81
CA THR B 178 -11.26 -10.40 11.07
C THR B 178 -12.13 -9.84 12.18
N LEU B 179 -12.78 -10.74 12.93
CA LEU B 179 -13.52 -10.36 14.12
C LEU B 179 -12.62 -10.65 15.31
N THR B 180 -12.25 -9.61 16.04
CA THR B 180 -11.35 -9.77 17.17
C THR B 180 -12.14 -9.83 18.48
N LEU B 181 -12.01 -10.95 19.18
CA LEU B 181 -12.70 -11.17 20.44
C LEU B 181 -11.68 -11.57 21.48
N THR B 182 -12.12 -11.62 22.72
CA THR B 182 -11.34 -12.30 23.75
C THR B 182 -11.84 -13.73 23.83
N LYS B 183 -10.98 -14.64 24.23
CA LYS B 183 -11.34 -16.04 24.43
C LYS B 183 -12.54 -16.17 25.37
N ASP B 184 -12.53 -15.39 26.44
CA ASP B 184 -13.57 -15.52 27.44
C ASP B 184 -14.96 -15.18 26.88
N GLU B 185 -15.01 -14.22 25.96
CA GLU B 185 -16.25 -13.96 25.24
C GLU B 185 -16.51 -15.03 24.16
N TYR B 186 -15.46 -15.41 23.44
CA TYR B 186 -15.58 -16.38 22.36
C TYR B 186 -16.17 -17.68 22.87
N GLU B 187 -15.70 -18.09 24.04
CA GLU B 187 -16.12 -19.34 24.67
C GLU B 187 -17.60 -19.32 25.10
N ARG B 188 -18.20 -18.13 25.09
CA ARG B 188 -19.58 -17.98 25.57
C ARG B 188 -20.61 -17.98 24.46
N HIS B 189 -20.16 -18.07 23.22
CA HIS B 189 -21.11 -18.16 22.13
C HIS B 189 -20.83 -19.40 21.29
N ASN B 190 -21.82 -19.82 20.50
CA ASN B 190 -21.76 -21.09 19.81
C ASN B 190 -21.45 -20.94 18.34
N SER B 191 -21.99 -19.90 17.73
CA SER B 191 -22.00 -19.83 16.29
C SER B 191 -21.40 -18.51 15.76
N TYR B 192 -20.50 -18.62 14.78
CA TYR B 192 -19.89 -17.46 14.19
C TYR B 192 -20.08 -17.48 12.68
N THR B 193 -20.41 -16.32 12.14
CA THR B 193 -20.86 -16.21 10.77
C THR B 193 -20.34 -14.93 10.17
N CYS B 194 -19.73 -15.01 9.00
CA CYS B 194 -19.48 -13.79 8.26
C CYS B 194 -20.40 -13.79 7.06
N GLU B 195 -21.04 -12.65 6.82
CA GLU B 195 -21.96 -12.52 5.71
C GLU B 195 -21.48 -11.38 4.84
N ALA B 196 -21.46 -11.60 3.53
CA ALA B 196 -21.06 -10.53 2.62
C ALA B 196 -22.14 -10.20 1.63
N THR B 197 -22.20 -8.93 1.25
CA THR B 197 -23.09 -8.46 0.19
C THR B 197 -22.24 -7.99 -0.98
N HIS B 198 -22.55 -8.48 -2.18
CA HIS B 198 -21.76 -8.19 -3.36
C HIS B 198 -22.64 -8.22 -4.60
N LYS B 199 -22.23 -7.49 -5.63
CA LYS B 199 -22.97 -7.37 -6.90
C LYS B 199 -23.46 -8.71 -7.46
N THR B 200 -22.60 -9.73 -7.36
CA THR B 200 -22.84 -11.07 -7.81
C THR B 200 -23.99 -11.87 -7.14
N SER B 201 -24.53 -11.49 -6.01
CA SER B 201 -25.70 -12.16 -5.44
C SER B 201 -26.73 -11.27 -4.99
N THR B 202 -27.95 -11.72 -5.17
CA THR B 202 -29.11 -11.07 -4.63
C THR B 202 -29.17 -11.31 -3.17
N SER B 203 -28.81 -12.49 -2.75
CA SER B 203 -28.81 -12.80 -1.37
C SER B 203 -27.40 -12.68 -0.83
N PRO B 204 -27.34 -12.34 0.53
CA PRO B 204 -25.99 -12.37 1.08
C PRO B 204 -25.27 -13.72 1.10
N ILE B 205 -23.99 -13.65 0.96
CA ILE B 205 -23.14 -14.77 0.92
C ILE B 205 -22.64 -15.05 2.33
N VAL B 206 -22.89 -16.24 2.77
CA VAL B 206 -22.74 -16.58 4.13
C VAL B 206 -21.73 -17.69 4.30
N LYS B 207 -21.20 -17.79 5.49
CA LYS B 207 -20.18 -18.73 5.85
C LYS B 207 -20.11 -18.81 7.36
N SER B 208 -20.27 -19.99 7.87
CA SER B 208 -20.52 -20.14 9.30
C SER B 208 -19.80 -21.35 9.86
N PHE B 209 -19.48 -21.31 11.16
CA PHE B 209 -19.06 -22.51 11.87
C PHE B 209 -19.63 -22.47 13.28
N ASN B 210 -19.70 -23.63 13.93
CA ASN B 210 -20.03 -23.69 15.35
C ASN B 210 -18.78 -24.06 16.16
N ARG B 211 -18.45 -23.22 17.14
CA ARG B 211 -17.34 -23.47 18.07
C ARG B 211 -17.33 -24.88 18.70
N ASN B 212 -16.18 -25.54 18.69
CA ASN B 212 -16.01 -26.83 19.36
C ASN B 212 -14.56 -27.10 19.74
#